data_6XJJ
#
_entry.id   6XJJ
#
_cell.length_a   111.014
_cell.length_b   111.014
_cell.length_c   89.889
_cell.angle_alpha   90.00
_cell.angle_beta   90.00
_cell.angle_gamma   120.00
#
_symmetry.space_group_name_H-M   'P 31 2 1'
#
loop_
_entity.id
_entity.type
_entity.pdbx_description
1 polymer '2-oxoglutarate-dependent dioxygenase tropC'
2 non-polymer 'FE (III) ION'
3 non-polymer 'YTTRIUM (III) ION'
4 non-polymer 'ACETATE ION'
5 water water
#
_entity_poly.entity_id   1
_entity_poly.type   'polypeptide(L)'
_entity_poly.pdbx_seq_one_letter_code
;MHHHHHHGKPIPNPLLGLDSTENLYFQGIDPFTMSIGDEVIPTVDISAWLSSTASPESKNKVVEEVRSACNKYGFFNLVG
HGIPAEAREKIFGCTKKFFDLPLEEKMKISVDKSLGKSFRGYEPSLIQTHQDGLLPDTKECFITGAEIPADHPDAGKFST
GPNLWPEGLSDKEFRQPVMEYRALMLDLVSTIVRILGQGIHKAFGHPSDVLNDILINPSIPMRLLHYAPQENPDPRQFGV
GDHTDFGCVSILLQQKGTKGLEVWYPPKETWIPVPVIEDAFVINMGDTMHRWTGGYYRSARHRVYITGERRYSVAFFLNG
NLNLKIKPLDGSGGEASVGEHINSRLAHTLGDNAKYLR
;
_entity_poly.pdbx_strand_id   A
#
loop_
_chem_comp.id
_chem_comp.type
_chem_comp.name
_chem_comp.formula
ACT non-polymer 'ACETATE ION' 'C2 H3 O2 -1'
FE non-polymer 'FE (III) ION' 'Fe 3'
YT3 non-polymer 'YTTRIUM (III) ION' 'Y 3'
#
# COMPACT_ATOMS: atom_id res chain seq x y z
N GLU A 39 -4.66 2.04 -23.44
CA GLU A 39 -4.47 1.27 -22.21
C GLU A 39 -4.89 2.06 -20.98
N VAL A 40 -5.73 1.45 -20.16
CA VAL A 40 -6.19 2.08 -18.93
C VAL A 40 -6.14 1.04 -17.82
N ILE A 41 -5.80 1.48 -16.61
CA ILE A 41 -5.86 0.58 -15.45
C ILE A 41 -7.32 0.21 -15.19
N PRO A 42 -7.65 -1.09 -15.09
CA PRO A 42 -9.06 -1.47 -14.92
C PRO A 42 -9.55 -1.29 -13.49
N THR A 43 -10.87 -1.32 -13.36
CA THR A 43 -11.56 -1.32 -12.08
C THR A 43 -12.25 -2.67 -11.90
N VAL A 44 -12.09 -3.26 -10.71
CA VAL A 44 -12.70 -4.54 -10.40
C VAL A 44 -13.57 -4.38 -9.16
N ASP A 45 -14.81 -4.82 -9.27
CA ASP A 45 -15.77 -4.79 -8.18
C ASP A 45 -15.79 -6.15 -7.52
N ILE A 46 -15.42 -6.21 -6.24
CA ILE A 46 -15.38 -7.48 -5.51
C ILE A 46 -16.66 -7.74 -4.72
N SER A 47 -17.70 -6.91 -4.88
CA SER A 47 -18.95 -7.09 -4.14
C SER A 47 -19.37 -8.55 -4.09
N ALA A 48 -19.32 -9.24 -5.23
CA ALA A 48 -19.83 -10.60 -5.28
C ALA A 48 -19.02 -11.53 -4.40
N TRP A 49 -17.70 -11.37 -4.37
CA TRP A 49 -16.87 -12.30 -3.61
C TRP A 49 -17.10 -12.14 -2.11
N LEU A 50 -17.37 -10.91 -1.66
CA LEU A 50 -17.70 -10.64 -0.26
C LEU A 50 -19.15 -10.95 0.09
N SER A 51 -20.05 -11.02 -0.88
CA SER A 51 -21.44 -11.33 -0.60
C SER A 51 -21.60 -12.82 -0.31
N SER A 52 -22.47 -13.14 0.64
CA SER A 52 -22.73 -14.52 1.01
C SER A 52 -23.94 -15.10 0.27
N THR A 53 -24.53 -14.34 -0.65
CA THR A 53 -25.65 -14.81 -1.45
C THR A 53 -25.41 -14.73 -2.95
N ALA A 54 -24.31 -14.12 -3.39
CA ALA A 54 -24.01 -14.02 -4.81
C ALA A 54 -23.80 -15.41 -5.42
N SER A 55 -24.13 -15.52 -6.70
CA SER A 55 -23.96 -16.77 -7.41
C SER A 55 -22.48 -17.13 -7.55
N PRO A 56 -22.16 -18.42 -7.64
CA PRO A 56 -20.76 -18.79 -7.90
C PRO A 56 -20.23 -18.20 -9.19
N GLU A 57 -21.10 -17.99 -10.19
CA GLU A 57 -20.68 -17.32 -11.41
C GLU A 57 -20.20 -15.90 -11.12
N SER A 58 -20.99 -15.14 -10.35
CA SER A 58 -20.62 -13.77 -10.01
C SER A 58 -19.26 -13.75 -9.30
N LYS A 59 -19.03 -14.73 -8.44
CA LYS A 59 -17.80 -14.78 -7.67
C LYS A 59 -16.61 -15.12 -8.56
N ASN A 60 -16.78 -16.09 -9.47
CA ASN A 60 -15.73 -16.40 -10.41
C ASN A 60 -15.39 -15.20 -11.27
N LYS A 61 -16.40 -14.45 -11.71
CA LYS A 61 -16.14 -13.26 -12.51
C LYS A 61 -15.21 -12.30 -11.79
N VAL A 62 -15.29 -12.24 -10.46
CA VAL A 62 -14.36 -11.41 -9.69
C VAL A 62 -12.94 -11.99 -9.79
N VAL A 63 -12.81 -13.31 -9.64
CA VAL A 63 -11.50 -13.95 -9.74
C VAL A 63 -10.90 -13.70 -11.13
N GLU A 64 -11.72 -13.80 -12.18
CA GLU A 64 -11.23 -13.54 -13.53
C GLU A 64 -10.69 -12.13 -13.69
N GLU A 65 -11.49 -11.12 -13.30
CA GLU A 65 -11.06 -9.73 -13.48
C GLU A 65 -9.79 -9.43 -12.69
N VAL A 66 -9.65 -10.01 -11.49
CA VAL A 66 -8.48 -9.73 -10.65
C VAL A 66 -7.23 -10.40 -11.23
N ARG A 67 -7.25 -11.74 -11.34
CA ARG A 67 -6.11 -12.47 -11.87
C ARG A 67 -5.61 -11.81 -13.15
N SER A 68 -6.55 -11.29 -13.94
CA SER A 68 -6.25 -10.75 -15.26
C SER A 68 -5.59 -9.37 -15.18
N ALA A 69 -6.12 -8.49 -14.33
CA ALA A 69 -5.48 -7.19 -14.14
C ALA A 69 -4.09 -7.35 -13.54
N CYS A 70 -3.94 -8.29 -12.60
CA CYS A 70 -2.63 -8.51 -11.97
C CYS A 70 -1.66 -9.20 -12.91
N ASN A 71 -2.17 -9.92 -13.89
CA ASN A 71 -1.27 -10.56 -14.84
C ASN A 71 -0.84 -9.61 -15.95
N LYS A 72 -1.67 -8.64 -16.29
CA LYS A 72 -1.40 -7.74 -17.39
C LYS A 72 -0.76 -6.43 -16.93
N TYR A 73 -1.35 -5.77 -15.94
CA TYR A 73 -0.85 -4.48 -15.48
C TYR A 73 -0.16 -4.53 -14.13
N GLY A 74 -0.37 -5.58 -13.34
CA GLY A 74 0.08 -5.53 -11.97
C GLY A 74 -0.64 -4.54 -11.10
N PHE A 75 -1.57 -3.76 -11.67
CA PHE A 75 -2.43 -2.88 -10.89
C PHE A 75 -3.89 -3.09 -11.28
N PHE A 76 -4.77 -2.80 -10.32
CA PHE A 76 -6.14 -2.39 -10.60
C PHE A 76 -6.64 -1.44 -9.52
N ASN A 77 -7.78 -0.79 -9.83
CA ASN A 77 -8.64 -0.16 -8.84
C ASN A 77 -9.67 -1.15 -8.34
N LEU A 78 -9.89 -1.13 -7.02
CA LEU A 78 -10.79 -2.06 -6.35
C LEU A 78 -11.97 -1.30 -5.76
N VAL A 79 -13.18 -1.76 -6.06
CA VAL A 79 -14.39 -1.24 -5.44
C VAL A 79 -15.23 -2.43 -4.95
N GLY A 80 -16.31 -2.11 -4.24
CA GLY A 80 -17.17 -3.12 -3.65
C GLY A 80 -16.65 -3.69 -2.36
N HIS A 81 -15.68 -3.02 -1.74
CA HIS A 81 -15.01 -3.49 -0.54
C HIS A 81 -15.87 -3.38 0.72
N GLY A 82 -16.86 -2.49 0.73
CA GLY A 82 -17.76 -2.39 1.85
C GLY A 82 -17.31 -1.42 2.94
N ILE A 83 -16.11 -0.87 2.84
CA ILE A 83 -15.66 0.13 3.81
C ILE A 83 -16.41 1.43 3.57
N PRO A 84 -16.97 2.07 4.60
CA PRO A 84 -17.75 3.29 4.36
C PRO A 84 -16.86 4.44 3.93
N ALA A 85 -17.50 5.43 3.30
CA ALA A 85 -16.78 6.66 2.99
C ALA A 85 -16.32 7.38 4.25
N GLU A 86 -16.97 7.15 5.39
CA GLU A 86 -16.54 7.80 6.61
C GLU A 86 -15.12 7.40 6.97
N ALA A 87 -14.82 6.11 6.86
CA ALA A 87 -13.51 5.61 7.27
C ALA A 87 -12.41 6.24 6.44
N ARG A 88 -12.68 6.51 5.17
CA ARG A 88 -11.68 7.14 4.33
C ARG A 88 -11.54 8.61 4.67
N GLU A 89 -12.66 9.27 4.95
CA GLU A 89 -12.61 10.65 5.45
C GLU A 89 -11.78 10.75 6.72
N LYS A 90 -11.96 9.81 7.64
CA LYS A 90 -11.36 9.97 8.95
C LYS A 90 -9.84 9.81 8.88
N ILE A 91 -9.34 8.92 8.01
CA ILE A 91 -7.90 8.69 7.96
C ILE A 91 -7.16 9.84 7.28
N PHE A 92 -7.79 10.51 6.30
CA PHE A 92 -7.19 11.73 5.78
C PHE A 92 -7.26 12.87 6.79
N GLY A 93 -8.26 12.87 7.66
CA GLY A 93 -8.22 13.80 8.78
C GLY A 93 -6.99 13.59 9.64
N CYS A 94 -6.73 12.34 10.01
CA CYS A 94 -5.54 12.04 10.81
C CYS A 94 -4.27 12.46 10.09
N THR A 95 -4.19 12.20 8.78
CA THR A 95 -2.96 12.44 8.05
C THR A 95 -2.65 13.93 7.98
N LYS A 96 -3.66 14.75 7.75
CA LYS A 96 -3.47 16.20 7.73
C LYS A 96 -3.09 16.74 9.09
N LYS A 97 -3.77 16.32 10.15
CA LYS A 97 -3.38 16.73 11.50
C LYS A 97 -1.93 16.40 11.78
N PHE A 98 -1.46 15.22 11.37
CA PHE A 98 -0.10 14.84 11.71
C PHE A 98 0.91 15.70 10.96
N PHE A 99 0.79 15.80 9.64
CA PHE A 99 1.78 16.53 8.89
C PHE A 99 1.68 18.03 9.10
N ASP A 100 0.53 18.54 9.58
CA ASP A 100 0.45 19.95 9.95
C ASP A 100 1.29 20.27 11.18
N LEU A 101 1.81 19.27 11.89
CA LEU A 101 2.61 19.51 13.08
C LEU A 101 3.91 20.23 12.71
N PRO A 102 4.52 20.94 13.68
CA PRO A 102 5.83 21.53 13.43
C PRO A 102 6.85 20.47 13.08
N LEU A 103 7.82 20.84 12.25
CA LEU A 103 8.81 19.86 11.83
C LEU A 103 9.66 19.39 13.00
N GLU A 104 10.00 20.30 13.93
CA GLU A 104 10.69 19.85 15.13
C GLU A 104 9.82 18.88 15.93
N GLU A 105 8.49 19.04 15.82
CA GLU A 105 7.56 18.20 16.56
C GLU A 105 7.52 16.78 15.98
N LYS A 106 7.52 16.66 14.64
CA LYS A 106 7.52 15.35 14.01
C LYS A 106 8.85 14.63 14.24
N MET A 107 9.96 15.37 14.11
CA MET A 107 11.28 14.76 14.25
C MET A 107 11.49 14.15 15.62
N LYS A 108 10.68 14.52 16.62
CA LYS A 108 10.78 13.86 17.93
C LYS A 108 10.44 12.38 17.88
N ILE A 109 9.77 11.92 16.81
CA ILE A 109 9.55 10.50 16.60
C ILE A 109 10.12 10.09 15.25
N SER A 110 11.22 10.74 14.85
CA SER A 110 11.87 10.41 13.59
C SER A 110 12.30 8.94 13.59
N VAL A 111 12.34 8.36 12.39
CA VAL A 111 12.47 6.91 12.25
C VAL A 111 13.77 6.41 12.89
N ASP A 112 14.82 7.23 12.90
CA ASP A 112 16.09 6.81 13.49
C ASP A 112 16.01 6.64 15.00
N LYS A 113 14.90 7.03 15.63
CA LYS A 113 14.72 6.88 17.07
C LYS A 113 13.98 5.61 17.46
N SER A 114 13.45 4.88 16.48
CA SER A 114 12.69 3.67 16.76
C SER A 114 13.61 2.54 17.22
N LEU A 115 13.01 1.59 17.93
CA LEU A 115 13.76 0.49 18.52
C LEU A 115 14.45 -0.32 17.45
N GLY A 116 15.76 -0.51 17.61
CA GLY A 116 16.53 -1.37 16.73
C GLY A 116 16.20 -1.16 15.27
N LYS A 117 15.88 -2.26 14.59
CA LYS A 117 15.54 -2.23 13.18
C LYS A 117 14.04 -2.17 12.94
N SER A 118 13.25 -1.92 13.98
CA SER A 118 11.93 -1.37 13.76
C SER A 118 12.09 -0.06 13.03
N PHE A 119 11.52 0.05 11.85
CA PHE A 119 11.64 1.24 11.03
C PHE A 119 10.27 1.91 11.10
N ARG A 120 10.05 2.64 12.21
CA ARG A 120 8.76 3.21 12.57
C ARG A 120 8.95 4.67 12.94
N GLY A 121 7.95 5.48 12.62
CA GLY A 121 7.99 6.89 12.98
C GLY A 121 7.99 7.83 11.78
N TYR A 122 8.61 8.99 11.92
CA TYR A 122 8.56 10.04 10.91
C TYR A 122 9.82 10.04 10.06
N GLU A 123 9.64 10.23 8.75
CA GLU A 123 10.76 10.36 7.83
C GLU A 123 10.52 11.64 7.03
N PRO A 124 11.45 12.58 7.04
CA PRO A 124 11.22 13.85 6.34
C PRO A 124 11.47 13.72 4.84
N SER A 125 11.22 14.81 4.13
CA SER A 125 11.35 14.81 2.68
C SER A 125 12.80 15.03 2.27
N LEU A 126 13.06 14.78 0.98
CA LEU A 126 14.29 15.18 0.32
C LEU A 126 15.49 14.38 0.83
N ILE A 127 15.27 13.10 1.12
CA ILE A 127 16.36 12.21 1.50
C ILE A 127 16.33 10.87 0.77
N GLN A 128 15.21 10.47 0.19
CA GLN A 128 15.14 9.22 -0.56
C GLN A 128 15.47 9.46 -2.03
N THR A 129 16.44 8.69 -2.55
CA THR A 129 16.92 8.81 -3.91
C THR A 129 16.79 7.47 -4.64
N HIS A 130 16.69 7.56 -5.96
CA HIS A 130 16.41 6.43 -6.85
C HIS A 130 17.45 6.23 -7.95
N GLN A 131 17.95 7.31 -8.54
CA GLN A 131 18.93 7.20 -9.60
C GLN A 131 19.85 8.40 -9.51
N ASP A 132 21.11 8.19 -9.88
CA ASP A 132 22.13 9.19 -9.61
C ASP A 132 21.86 10.52 -10.33
N GLY A 133 21.32 10.48 -11.54
CA GLY A 133 21.05 11.71 -12.26
C GLY A 133 20.00 12.61 -11.62
N LEU A 134 19.25 12.11 -10.63
CA LEU A 134 18.00 12.72 -10.23
C LEU A 134 18.07 13.26 -8.81
N LEU A 135 17.02 14.00 -8.44
CA LEU A 135 16.86 14.68 -7.16
C LEU A 135 16.05 13.84 -6.20
N PRO A 136 16.20 14.07 -4.89
CA PRO A 136 15.48 13.26 -3.90
C PRO A 136 13.99 13.54 -3.89
N ASP A 137 13.24 12.61 -3.30
CA ASP A 137 11.78 12.66 -3.34
C ASP A 137 11.19 13.67 -2.37
N THR A 138 10.20 14.43 -2.85
CA THR A 138 9.45 15.39 -2.03
C THR A 138 8.61 14.72 -0.96
N LYS A 139 8.45 13.41 -1.03
CA LYS A 139 7.60 12.67 -0.11
C LYS A 139 7.97 12.93 1.34
N GLU A 140 6.93 13.13 2.15
CA GLU A 140 7.01 13.15 3.61
C GLU A 140 6.16 11.98 4.10
N CYS A 141 6.66 11.19 5.05
CA CYS A 141 5.89 10.00 5.44
C CYS A 141 6.00 9.68 6.92
N PHE A 142 4.97 8.99 7.42
CA PHE A 142 4.86 8.45 8.77
C PHE A 142 4.58 6.96 8.66
N ILE A 143 5.31 6.15 9.42
CA ILE A 143 5.38 4.71 9.20
C ILE A 143 4.86 3.99 10.44
N THR A 144 3.93 3.06 10.24
CA THR A 144 3.46 2.17 11.29
C THR A 144 3.61 0.72 10.85
N GLY A 145 3.47 -0.17 11.83
CA GLY A 145 3.37 -1.59 11.58
C GLY A 145 2.47 -2.21 12.63
N ALA A 146 2.45 -3.54 12.72
CA ALA A 146 1.66 -4.18 13.77
C ALA A 146 2.26 -3.84 15.13
N GLU A 147 1.40 -3.60 16.11
CA GLU A 147 1.87 -3.18 17.42
C GLU A 147 2.45 -4.37 18.16
N ILE A 148 3.67 -4.23 18.67
CA ILE A 148 4.36 -5.28 19.40
C ILE A 148 5.03 -4.65 20.61
N PRO A 149 4.79 -5.16 21.83
CA PRO A 149 5.41 -4.53 23.00
C PRO A 149 6.93 -4.53 22.89
N ALA A 150 7.54 -3.52 23.54
CA ALA A 150 8.99 -3.40 23.51
C ALA A 150 9.68 -4.68 23.95
N ASP A 151 9.13 -5.37 24.94
CA ASP A 151 9.78 -6.54 25.51
C ASP A 151 9.41 -7.83 24.81
N HIS A 152 8.77 -7.76 23.64
CA HIS A 152 8.47 -8.94 22.86
C HIS A 152 9.75 -9.55 22.31
N PRO A 153 9.78 -10.87 22.10
CA PRO A 153 10.99 -11.48 21.51
C PRO A 153 11.45 -10.83 20.20
N ASP A 154 10.52 -10.60 19.27
CA ASP A 154 10.86 -10.10 17.94
C ASP A 154 11.04 -8.58 17.92
N ALA A 155 10.82 -7.88 19.03
CA ALA A 155 10.96 -6.44 19.02
C ALA A 155 12.40 -6.03 18.72
N GLY A 156 12.54 -5.09 17.79
CA GLY A 156 13.84 -4.63 17.32
C GLY A 156 14.25 -5.21 15.98
N LYS A 157 13.72 -6.38 15.61
CA LYS A 157 14.04 -6.98 14.31
C LYS A 157 13.46 -6.14 13.18
N PHE A 158 13.77 -6.53 11.95
CA PHE A 158 13.37 -5.73 10.79
C PHE A 158 11.87 -5.46 10.76
N SER A 159 11.52 -4.18 10.90
CA SER A 159 10.14 -3.69 10.76
C SER A 159 9.14 -4.50 11.57
N THR A 160 9.58 -4.95 12.76
CA THR A 160 8.67 -5.54 13.73
C THR A 160 9.02 -5.04 15.12
N GLY A 161 8.02 -4.50 15.82
CA GLY A 161 8.22 -3.86 17.10
C GLY A 161 7.10 -2.90 17.38
N PRO A 162 7.28 -2.01 18.36
CA PRO A 162 6.25 -1.02 18.67
C PRO A 162 6.28 0.18 17.73
N ASN A 163 5.12 0.82 17.60
CA ASN A 163 5.01 2.05 16.84
C ASN A 163 5.47 3.24 17.67
N LEU A 164 5.84 4.32 16.99
CA LEU A 164 6.08 5.60 17.63
C LEU A 164 4.91 6.52 17.36
N TRP A 165 4.44 7.19 18.40
CA TRP A 165 3.25 8.00 18.29
C TRP A 165 3.52 9.43 18.72
N PRO A 166 2.95 10.42 18.04
CA PRO A 166 3.26 11.82 18.38
C PRO A 166 2.63 12.23 19.71
N GLU A 167 3.46 12.75 20.61
CA GLU A 167 2.97 13.17 21.92
C GLU A 167 1.92 14.26 21.82
N GLY A 168 2.00 15.11 20.80
CA GLY A 168 1.13 16.25 20.69
C GLY A 168 -0.26 15.99 20.16
N LEU A 169 -0.60 14.73 19.86
CA LEU A 169 -1.93 14.36 19.41
C LEU A 169 -2.55 13.37 20.39
N SER A 170 -3.86 13.49 20.57
CA SER A 170 -4.61 12.60 21.46
C SER A 170 -4.86 11.26 20.76
N ASP A 171 -4.97 10.19 21.57
CA ASP A 171 -5.36 8.91 21.03
C ASP A 171 -6.60 9.05 20.15
N LYS A 172 -7.53 9.90 20.57
CA LYS A 172 -8.80 10.03 19.87
C LYS A 172 -8.62 10.74 18.53
N GLU A 173 -7.70 11.70 18.45
CA GLU A 173 -7.44 12.38 17.18
C GLU A 173 -6.70 11.49 16.20
N PHE A 174 -5.78 10.64 16.67
CA PHE A 174 -4.81 10.08 15.75
C PHE A 174 -4.62 8.57 15.91
N ARG A 175 -4.14 8.14 17.08
CA ARG A 175 -3.75 6.73 17.22
C ARG A 175 -4.93 5.80 16.97
N GLN A 176 -6.05 6.01 17.67
CA GLN A 176 -7.19 5.10 17.52
C GLN A 176 -7.65 5.03 16.07
N PRO A 177 -7.91 6.13 15.37
CA PRO A 177 -8.31 6.01 13.95
C PRO A 177 -7.29 5.26 13.11
N VAL A 178 -6.00 5.61 13.26
CA VAL A 178 -4.94 4.96 12.49
C VAL A 178 -4.99 3.45 12.67
N MET A 179 -5.06 2.98 13.91
CA MET A 179 -5.10 1.54 14.15
C MET A 179 -6.41 0.91 13.68
N GLU A 180 -7.53 1.63 13.78
CA GLU A 180 -8.77 1.11 13.22
C GLU A 180 -8.69 0.95 11.71
N TYR A 181 -8.14 1.96 11.01
CA TYR A 181 -7.97 1.85 9.57
C TYR A 181 -7.05 0.68 9.22
N ARG A 182 -5.97 0.50 9.97
CA ARG A 182 -5.11 -0.66 9.81
C ARG A 182 -5.92 -1.96 9.85
N ALA A 183 -6.85 -2.08 10.79
CA ALA A 183 -7.65 -3.30 10.89
C ALA A 183 -8.49 -3.50 9.64
N LEU A 184 -9.17 -2.44 9.17
CA LEU A 184 -9.92 -2.54 7.92
C LEU A 184 -9.01 -2.92 6.77
N MET A 185 -7.79 -2.36 6.74
CA MET A 185 -6.86 -2.75 5.68
C MET A 185 -6.46 -4.22 5.79
N LEU A 186 -6.05 -4.66 6.98
CA LEU A 186 -5.73 -6.08 7.16
C LEU A 186 -6.86 -6.97 6.68
N ASP A 187 -8.11 -6.59 6.95
CA ASP A 187 -9.23 -7.41 6.53
C ASP A 187 -9.34 -7.43 5.01
N LEU A 188 -9.22 -6.27 4.38
CA LEU A 188 -9.31 -6.20 2.93
C LEU A 188 -8.18 -6.96 2.25
N VAL A 189 -6.96 -6.88 2.79
CA VAL A 189 -5.84 -7.52 2.11
C VAL A 189 -5.96 -9.04 2.25
N SER A 190 -6.59 -9.51 3.33
CA SER A 190 -6.85 -10.94 3.47
C SER A 190 -7.85 -11.42 2.43
N THR A 191 -8.86 -10.61 2.14
CA THR A 191 -9.77 -10.90 1.05
C THR A 191 -9.04 -10.95 -0.28
N ILE A 192 -8.21 -9.93 -0.56
CA ILE A 192 -7.46 -9.87 -1.80
C ILE A 192 -6.59 -11.10 -1.96
N VAL A 193 -5.92 -11.53 -0.88
CA VAL A 193 -5.05 -12.70 -0.96
C VAL A 193 -5.82 -13.93 -1.38
N ARG A 194 -7.00 -14.15 -0.80
CA ARG A 194 -7.75 -15.36 -1.11
C ARG A 194 -8.27 -15.35 -2.53
N ILE A 195 -8.59 -14.17 -3.07
CA ILE A 195 -8.98 -14.06 -4.47
C ILE A 195 -7.80 -14.41 -5.37
N LEU A 196 -6.61 -13.88 -5.05
CA LEU A 196 -5.40 -14.23 -5.77
C LEU A 196 -5.14 -15.72 -5.71
N GLY A 197 -5.23 -16.31 -4.51
CA GLY A 197 -5.06 -17.75 -4.39
C GLY A 197 -6.01 -18.53 -5.28
N GLN A 198 -7.25 -18.05 -5.41
CA GLN A 198 -8.22 -18.71 -6.28
C GLN A 198 -7.83 -18.56 -7.74
N GLY A 199 -7.31 -17.40 -8.14
CA GLY A 199 -6.77 -17.25 -9.48
C GLY A 199 -5.60 -18.18 -9.74
N ILE A 200 -4.80 -18.48 -8.71
CA ILE A 200 -3.74 -19.47 -8.84
C ILE A 200 -4.34 -20.86 -9.06
N HIS A 201 -5.33 -21.23 -8.24
CA HIS A 201 -6.03 -22.49 -8.44
C HIS A 201 -6.48 -22.65 -9.89
N LYS A 202 -7.13 -21.62 -10.44
CA LYS A 202 -7.63 -21.71 -11.80
C LYS A 202 -6.49 -21.79 -12.80
N ALA A 203 -5.39 -21.09 -12.54
CA ALA A 203 -4.29 -21.04 -13.50
C ALA A 203 -3.48 -22.33 -13.49
N PHE A 204 -3.05 -22.79 -12.31
CA PHE A 204 -2.07 -23.85 -12.23
C PHE A 204 -2.54 -25.05 -11.41
N GLY A 205 -3.75 -25.00 -10.84
CA GLY A 205 -4.33 -26.17 -10.21
C GLY A 205 -3.99 -26.38 -8.75
N HIS A 206 -3.36 -25.41 -8.09
CA HIS A 206 -3.00 -25.57 -6.70
C HIS A 206 -4.23 -25.44 -5.81
N PRO A 207 -4.13 -25.84 -4.55
CA PRO A 207 -5.23 -25.57 -3.61
C PRO A 207 -5.52 -24.08 -3.55
N SER A 208 -6.81 -23.73 -3.48
CA SER A 208 -7.10 -22.29 -3.50
C SER A 208 -6.61 -21.55 -2.24
N ASP A 209 -6.04 -22.24 -1.25
CA ASP A 209 -5.40 -21.58 -0.12
C ASP A 209 -3.87 -21.61 -0.21
N VAL A 210 -3.31 -21.55 -1.42
CA VAL A 210 -1.86 -21.65 -1.56
C VAL A 210 -1.21 -20.53 -0.78
N LEU A 211 -1.78 -19.34 -0.88
CA LEU A 211 -1.13 -18.11 -0.47
C LEU A 211 -1.49 -17.70 0.95
N ASN A 212 -2.41 -18.41 1.60
CA ASN A 212 -3.00 -17.89 2.82
C ASN A 212 -2.05 -17.90 4.02
N ASP A 213 -0.87 -18.51 3.90
CA ASP A 213 0.06 -18.52 5.04
C ASP A 213 0.69 -17.16 5.31
N ILE A 214 0.72 -16.25 4.32
CA ILE A 214 1.17 -14.89 4.60
C ILE A 214 0.20 -14.13 5.47
N LEU A 215 -1.04 -14.60 5.62
CA LEU A 215 -1.94 -13.98 6.56
C LEU A 215 -1.67 -14.40 7.99
N ILE A 216 -0.89 -15.47 8.19
CA ILE A 216 -0.50 -15.93 9.52
C ILE A 216 0.54 -14.97 10.11
N ASN A 217 0.11 -14.13 11.05
CA ASN A 217 1.00 -13.28 11.81
C ASN A 217 1.74 -12.36 10.86
N PRO A 218 1.03 -11.51 10.12
CA PRO A 218 1.60 -10.88 8.94
C PRO A 218 2.44 -9.65 9.26
N SER A 219 3.35 -9.33 8.34
CA SER A 219 4.13 -8.11 8.40
C SER A 219 3.40 -7.08 7.55
N ILE A 220 2.79 -6.09 8.21
CA ILE A 220 1.88 -5.19 7.54
C ILE A 220 2.19 -3.74 7.90
N PRO A 221 3.18 -3.15 7.28
CA PRO A 221 3.37 -1.71 7.43
C PRO A 221 2.36 -0.91 6.61
N MET A 222 2.09 0.27 7.13
CA MET A 222 1.29 1.31 6.48
C MET A 222 2.09 2.59 6.54
N ARG A 223 1.90 3.46 5.55
CA ARG A 223 2.54 4.77 5.54
C ARG A 223 1.49 5.85 5.27
N LEU A 224 1.55 6.91 6.07
CA LEU A 224 0.81 8.13 5.80
C LEU A 224 1.73 9.05 5.00
N LEU A 225 1.23 9.54 3.87
CA LEU A 225 2.07 10.19 2.87
C LEU A 225 1.60 11.62 2.64
N HIS A 226 2.58 12.53 2.55
CA HIS A 226 2.34 13.94 2.23
C HIS A 226 3.26 14.37 1.10
N TYR A 227 2.69 15.01 0.08
CA TYR A 227 3.42 15.52 -1.07
C TYR A 227 3.19 17.02 -1.12
N ALA A 228 4.19 17.82 -0.72
CA ALA A 228 4.06 19.25 -0.84
C ALA A 228 3.97 19.65 -2.32
N PRO A 229 3.08 20.58 -2.68
CA PRO A 229 2.92 20.94 -4.09
C PRO A 229 4.00 21.89 -4.57
N GLN A 230 4.16 21.95 -5.90
CA GLN A 230 5.08 22.88 -6.54
C GLN A 230 4.45 23.41 -7.82
N GLU A 231 4.60 24.73 -8.04
CA GLU A 231 4.07 25.33 -9.26
C GLU A 231 4.92 24.96 -10.47
N ASN A 232 6.24 25.09 -10.34
CA ASN A 232 7.18 24.76 -11.42
C ASN A 232 8.18 23.76 -10.89
N PRO A 233 7.92 22.46 -11.04
CA PRO A 233 8.83 21.45 -10.51
C PRO A 233 9.93 21.07 -11.49
N ASP A 234 11.08 20.74 -10.91
CA ASP A 234 12.17 20.21 -11.71
C ASP A 234 11.81 18.81 -12.22
N PRO A 235 11.89 18.55 -13.52
CA PRO A 235 11.53 17.20 -14.02
C PRO A 235 12.49 16.11 -13.58
N ARG A 236 13.54 16.46 -12.84
CA ARG A 236 14.45 15.48 -12.25
C ARG A 236 14.04 15.08 -10.84
N GLN A 237 12.91 15.58 -10.35
CA GLN A 237 12.45 15.31 -8.99
C GLN A 237 11.03 14.78 -9.08
N PHE A 238 10.72 13.73 -8.32
CA PHE A 238 9.35 13.26 -8.26
C PHE A 238 8.85 13.25 -6.83
N GLY A 239 7.54 13.03 -6.70
CA GLY A 239 6.94 12.72 -5.43
C GLY A 239 7.53 11.44 -4.88
N VAL A 240 7.51 10.40 -5.70
CA VAL A 240 8.24 9.16 -5.43
C VAL A 240 8.75 8.65 -6.78
N GLY A 241 10.00 8.28 -6.82
CA GLY A 241 10.60 7.87 -8.08
C GLY A 241 10.30 6.44 -8.46
N ASP A 242 10.72 6.11 -9.69
CA ASP A 242 10.54 4.80 -10.26
C ASP A 242 11.02 3.71 -9.32
N HIS A 243 10.08 2.86 -8.89
CA HIS A 243 10.41 1.73 -8.05
C HIS A 243 9.41 0.61 -8.31
N THR A 244 9.71 -0.56 -7.76
CA THR A 244 8.72 -1.58 -7.50
C THR A 244 8.58 -1.74 -6.00
N ASP A 245 7.42 -2.23 -5.58
CA ASP A 245 7.22 -2.61 -4.19
C ASP A 245 7.81 -3.99 -3.97
N PHE A 246 8.44 -4.20 -2.82
CA PHE A 246 9.14 -5.46 -2.60
C PHE A 246 8.20 -6.55 -2.09
N GLY A 247 7.11 -6.19 -1.40
CA GLY A 247 6.27 -7.15 -0.71
C GLY A 247 5.36 -7.99 -1.59
N CYS A 248 4.17 -8.27 -1.08
CA CYS A 248 3.18 -9.10 -1.78
C CYS A 248 2.06 -8.27 -2.36
N VAL A 249 1.30 -7.57 -1.52
CA VAL A 249 0.14 -6.79 -1.96
C VAL A 249 0.26 -5.39 -1.33
N SER A 250 -0.09 -4.37 -2.11
CA SER A 250 -0.14 -3.00 -1.60
C SER A 250 -1.53 -2.44 -1.90
N ILE A 251 -2.05 -1.66 -0.96
CA ILE A 251 -3.39 -1.08 -1.08
C ILE A 251 -3.27 0.41 -0.79
N LEU A 252 -3.61 1.23 -1.77
CA LEU A 252 -3.39 2.66 -1.71
C LEU A 252 -4.73 3.39 -1.70
N LEU A 253 -4.82 4.43 -0.88
CA LEU A 253 -5.97 5.32 -0.86
C LEU A 253 -5.53 6.69 -1.36
N GLN A 254 -6.03 7.10 -2.51
CA GLN A 254 -5.69 8.41 -3.04
C GLN A 254 -6.75 9.42 -2.60
N GLN A 255 -6.49 10.68 -2.90
CA GLN A 255 -7.34 11.77 -2.44
C GLN A 255 -8.13 12.31 -3.63
N LYS A 256 -9.43 12.49 -3.45
CA LYS A 256 -10.27 13.07 -4.49
C LYS A 256 -9.75 14.44 -4.91
N GLY A 257 -9.46 14.57 -6.20
CA GLY A 257 -8.97 15.82 -6.77
C GLY A 257 -7.47 15.90 -6.97
N THR A 258 -6.74 14.80 -6.89
CA THR A 258 -5.30 14.79 -7.10
C THR A 258 -4.94 13.78 -8.18
N LYS A 259 -3.75 13.92 -8.73
CA LYS A 259 -3.20 12.90 -9.61
C LYS A 259 -1.68 12.89 -9.40
N GLY A 260 -1.01 12.02 -10.15
CA GLY A 260 0.42 11.89 -10.02
C GLY A 260 0.90 10.46 -10.19
N LEU A 261 0.09 9.50 -9.74
CA LEU A 261 0.49 8.10 -9.80
C LEU A 261 0.40 7.58 -11.23
N GLU A 262 1.49 6.98 -11.71
CA GLU A 262 1.53 6.39 -13.04
C GLU A 262 2.36 5.11 -13.01
N VAL A 263 2.07 4.23 -13.96
CA VAL A 263 2.52 2.85 -13.95
C VAL A 263 3.14 2.54 -15.30
N TRP A 264 4.30 1.87 -15.29
CA TRP A 264 5.00 1.53 -16.52
C TRP A 264 4.45 0.23 -17.10
N TYR A 265 4.02 0.29 -18.36
CA TYR A 265 3.46 -0.87 -19.07
C TYR A 265 4.37 -1.24 -20.23
N PRO A 266 5.15 -2.31 -20.12
CA PRO A 266 6.21 -2.58 -21.12
C PRO A 266 5.69 -2.72 -22.53
N PRO A 267 4.60 -3.48 -22.75
CA PRO A 267 4.15 -3.70 -24.13
C PRO A 267 4.07 -2.43 -24.97
N LYS A 268 3.54 -1.34 -24.42
CA LYS A 268 3.43 -0.08 -25.14
C LYS A 268 4.51 0.91 -24.73
N GLU A 269 5.49 0.48 -23.92
CA GLU A 269 6.59 1.32 -23.46
C GLU A 269 6.08 2.71 -23.06
N THR A 270 5.07 2.73 -22.18
CA THR A 270 4.44 3.97 -21.76
C THR A 270 4.13 3.91 -20.27
N TRP A 271 4.02 5.09 -19.66
CA TRP A 271 3.49 5.21 -18.30
C TRP A 271 1.99 5.45 -18.37
N ILE A 272 1.21 4.60 -17.70
CA ILE A 272 -0.24 4.76 -17.68
C ILE A 272 -0.62 5.52 -16.42
N PRO A 273 -1.53 6.49 -16.46
CA PRO A 273 -2.00 7.08 -15.22
C PRO A 273 -2.93 6.12 -14.50
N VAL A 274 -2.94 6.24 -13.17
CA VAL A 274 -3.90 5.54 -12.34
C VAL A 274 -4.97 6.54 -11.93
N PRO A 275 -6.18 6.47 -12.48
CA PRO A 275 -7.19 7.48 -12.15
C PRO A 275 -7.68 7.34 -10.71
N VAL A 276 -7.93 8.50 -10.09
CA VAL A 276 -8.57 8.54 -8.78
C VAL A 276 -10.03 8.15 -8.96
N ILE A 277 -10.39 6.92 -8.59
CA ILE A 277 -11.75 6.43 -8.67
C ILE A 277 -12.45 6.65 -7.34
N GLU A 278 -13.75 6.95 -7.41
CA GLU A 278 -14.54 7.23 -6.22
C GLU A 278 -14.83 5.93 -5.49
N ASP A 279 -14.48 5.89 -4.20
CA ASP A 279 -14.72 4.72 -3.34
C ASP A 279 -13.87 3.53 -3.79
N ALA A 280 -12.62 3.80 -4.15
CA ALA A 280 -11.74 2.76 -4.64
C ALA A 280 -10.45 2.77 -3.84
N PHE A 281 -9.78 1.61 -3.86
CA PHE A 281 -8.39 1.51 -3.46
C PHE A 281 -7.58 1.03 -4.66
N VAL A 282 -6.33 1.49 -4.75
CA VAL A 282 -5.40 1.01 -5.78
C VAL A 282 -4.66 -0.19 -5.24
N ILE A 283 -4.68 -1.27 -5.99
CA ILE A 283 -4.09 -2.54 -5.59
C ILE A 283 -2.99 -2.85 -6.59
N ASN A 284 -1.81 -3.19 -6.09
CA ASN A 284 -0.76 -3.68 -6.97
C ASN A 284 0.01 -4.81 -6.29
N MET A 285 0.67 -5.60 -7.14
CA MET A 285 1.49 -6.72 -6.70
C MET A 285 2.94 -6.27 -6.50
N GLY A 286 3.63 -6.94 -5.58
CA GLY A 286 5.02 -6.69 -5.29
C GLY A 286 5.94 -7.78 -5.82
N ASP A 287 7.23 -7.59 -5.54
CA ASP A 287 8.25 -8.50 -6.08
C ASP A 287 8.14 -9.90 -5.46
N THR A 288 7.86 -9.98 -4.16
CA THR A 288 7.69 -11.28 -3.52
C THR A 288 6.55 -12.07 -4.16
N MET A 289 5.43 -11.41 -4.46
CA MET A 289 4.36 -12.09 -5.18
C MET A 289 4.79 -12.43 -6.60
N HIS A 290 5.53 -11.53 -7.26
CA HIS A 290 6.05 -11.80 -8.58
C HIS A 290 6.83 -13.12 -8.61
N ARG A 291 7.92 -13.18 -7.81
CA ARG A 291 8.75 -14.37 -7.78
C ARG A 291 7.96 -15.59 -7.34
N TRP A 292 7.05 -15.41 -6.39
CA TRP A 292 6.37 -16.55 -5.81
C TRP A 292 5.35 -17.13 -6.76
N THR A 293 4.73 -16.31 -7.59
CA THR A 293 4.11 -16.81 -8.80
C THR A 293 5.18 -16.93 -9.88
N GLY A 294 4.79 -17.34 -11.09
CA GLY A 294 5.78 -17.47 -12.14
C GLY A 294 6.07 -16.16 -12.85
N GLY A 295 5.88 -15.03 -12.16
CA GLY A 295 5.59 -13.78 -12.84
C GLY A 295 4.13 -13.67 -13.28
N TYR A 296 3.30 -14.63 -12.87
CA TYR A 296 1.90 -14.65 -13.30
C TYR A 296 1.16 -13.44 -12.77
N TYR A 297 1.44 -13.05 -11.52
CA TYR A 297 1.03 -11.75 -10.99
C TYR A 297 2.25 -10.84 -11.08
N ARG A 298 2.12 -9.76 -11.87
CA ARG A 298 3.26 -8.90 -12.18
C ARG A 298 3.48 -7.82 -11.13
N SER A 299 4.75 -7.58 -10.78
CA SER A 299 5.18 -6.38 -10.06
C SER A 299 5.64 -5.35 -11.08
N ALA A 300 4.95 -4.22 -11.15
CA ALA A 300 5.15 -3.23 -12.19
C ALA A 300 5.78 -1.97 -11.59
N ARG A 301 6.70 -1.38 -12.34
CA ARG A 301 7.27 -0.10 -11.96
C ARG A 301 6.19 0.99 -11.91
N HIS A 302 6.35 1.91 -10.96
CA HIS A 302 5.41 3.00 -10.80
C HIS A 302 6.10 4.13 -10.04
N ARG A 303 5.49 5.31 -10.10
CA ARG A 303 6.06 6.52 -9.52
C ARG A 303 4.94 7.55 -9.37
N VAL A 304 5.27 8.68 -8.76
CA VAL A 304 4.33 9.76 -8.54
C VAL A 304 5.04 11.05 -8.91
N TYR A 305 4.62 11.68 -10.01
CA TYR A 305 5.22 12.96 -10.37
C TYR A 305 4.62 14.10 -9.56
N ILE A 306 5.30 15.24 -9.59
CA ILE A 306 4.93 16.38 -8.77
C ILE A 306 3.86 17.18 -9.50
N THR A 307 2.92 17.73 -8.75
CA THR A 307 1.83 18.53 -9.30
C THR A 307 1.70 19.81 -8.48
N GLY A 308 0.76 20.66 -8.91
CA GLY A 308 0.47 21.88 -8.19
C GLY A 308 -0.48 21.72 -7.03
N GLU A 309 -1.19 20.59 -6.97
CA GLU A 309 -2.18 20.35 -5.93
C GLU A 309 -1.51 19.63 -4.77
N ARG A 310 -1.92 19.98 -3.55
CA ARG A 310 -1.45 19.24 -2.39
C ARG A 310 -2.07 17.85 -2.41
N ARG A 311 -1.26 16.85 -2.08
CA ARG A 311 -1.65 15.45 -2.24
C ARG A 311 -1.32 14.67 -0.97
N TYR A 312 -2.33 13.94 -0.48
CA TYR A 312 -2.18 12.96 0.57
C TYR A 312 -2.51 11.57 0.01
N SER A 313 -1.93 10.55 0.63
CA SER A 313 -2.31 9.18 0.31
C SER A 313 -1.92 8.29 1.49
N VAL A 314 -2.61 7.16 1.58
CA VAL A 314 -2.35 6.16 2.62
C VAL A 314 -2.01 4.86 1.92
N ALA A 315 -0.82 4.35 2.17
CA ALA A 315 -0.32 3.15 1.52
C ALA A 315 -0.14 2.09 2.59
N PHE A 316 -0.80 0.96 2.40
CA PHE A 316 -0.64 -0.18 3.29
C PHE A 316 -0.12 -1.35 2.48
N PHE A 317 0.80 -2.11 3.09
CA PHE A 317 1.49 -3.18 2.37
C PHE A 317 1.45 -4.43 3.21
N LEU A 318 1.45 -5.56 2.50
CA LEU A 318 1.55 -6.89 3.09
C LEU A 318 2.82 -7.54 2.56
N ASN A 319 3.78 -7.77 3.45
CA ASN A 319 5.05 -8.38 3.10
C ASN A 319 5.06 -9.84 3.50
N GLY A 320 6.03 -10.59 2.96
CA GLY A 320 6.31 -11.92 3.44
C GLY A 320 6.64 -11.93 4.92
N ASN A 321 6.43 -13.08 5.53
CA ASN A 321 6.65 -13.21 6.96
C ASN A 321 8.13 -13.29 7.33
N LEU A 322 8.37 -13.04 8.62
CA LEU A 322 9.70 -13.00 9.21
C LEU A 322 10.33 -14.38 9.27
N ASN A 323 9.53 -15.43 9.16
CA ASN A 323 10.00 -16.81 9.16
C ASN A 323 9.68 -17.59 7.89
N LEU A 324 8.83 -17.06 7.02
CA LEU A 324 8.20 -17.85 5.97
C LEU A 324 9.09 -17.88 4.74
N LYS A 325 9.58 -19.06 4.38
CA LYS A 325 10.44 -19.23 3.21
C LYS A 325 9.54 -19.41 2.00
N ILE A 326 9.40 -18.35 1.22
CA ILE A 326 8.40 -18.28 0.15
C ILE A 326 8.92 -19.09 -1.03
N LYS A 327 8.16 -20.13 -1.42
CA LYS A 327 8.68 -21.00 -2.48
C LYS A 327 7.86 -20.91 -3.76
N PRO A 328 8.50 -20.69 -4.92
CA PRO A 328 7.75 -20.64 -6.19
C PRO A 328 6.92 -21.89 -6.44
N LEU A 329 6.17 -21.83 -7.55
CA LEU A 329 5.30 -22.90 -8.06
C LEU A 329 5.71 -24.31 -7.66
FE FE B . 5.01 2.07 -4.16
Y YT3 C . 4.90 -6.76 28.42
C ACT D . 10.70 -7.84 -10.91
O ACT D . 10.48 -7.51 -9.73
OXT ACT D . 10.75 -9.07 -11.14
CH3 ACT D . 10.92 -6.81 -11.98
H1 ACT D . 11.08 -7.24 -12.82
H2 ACT D . 11.68 -6.25 -11.75
H3 ACT D . 10.13 -6.25 -12.05
#